data_6DXM
#
_entry.id   6DXM
#
loop_
_entity.id
_entity.type
_entity.pdbx_description
1 polymer "DNA (5'-D(*TP*GP*GP*GP*CP*GP*GP*GP*G)-3')"
2 polymer "DNA (5'-D(*CP*CP*CP*CP*GP*CP*CP*CP*A)-3')"
#
loop_
_entity_poly.entity_id
_entity_poly.type
_entity_poly.pdbx_seq_one_letter_code
_entity_poly.pdbx_strand_id
1 'polydeoxyribonucleotide' (DT)(DG)(DG)(DG)(DC)(DG)(DG)(DG)(DG) A
2 'polydeoxyribonucleotide' (DC)(DC)(DC)(DC)(DG)(DC)(DC)(DC)(DA) B
#
loop_
_chem_comp.id
_chem_comp.type
_chem_comp.name
_chem_comp.formula
DA DNA linking 2'-DEOXYADENOSINE-5'-MONOPHOSPHATE 'C10 H14 N5 O6 P'
DC DNA linking 2'-DEOXYCYTIDINE-5'-MONOPHOSPHATE 'C9 H14 N3 O7 P'
DG DNA linking 2'-DEOXYGUANOSINE-5'-MONOPHOSPHATE 'C10 H14 N5 O7 P'
DT DNA linking THYMIDINE-5'-MONOPHOSPHATE 'C10 H15 N2 O8 P'
#